data_4EXQ
#
_entry.id   4EXQ
#
_cell.length_a   53.320
_cell.length_b   53.320
_cell.length_c   233.620
_cell.angle_alpha   90.00
_cell.angle_beta   90.00
_cell.angle_gamma   90.00
#
_symmetry.space_group_name_H-M   'P 41 21 2'
#
loop_
_entity.id
_entity.type
_entity.pdbx_description
1 polymer 'Uroporphyrinogen decarboxylase'
2 non-polymer 'SODIUM ION'
3 water water
#
_entity_poly.entity_id   1
_entity_poly.type   'polypeptide(L)'
_entity_poly.pdbx_seq_one_letter_code
;GPGSMAQTLINDTFLRALLREPTDYTPIWLMRQAGRYLPEYNATRARAGSFLGLAKHPDYATEVTLQPLERFPLDAAILF
SDILTIPDAMGLGLDFAAGEGPKFAHPVRTEADVAKLAVPDIGATLGYVTDAVREIRRALTDGEGRQRVPLIGFSGSPWT
LACYMVEGGGSDDFRTVKSMAYARPDLMHRILDVNAQAVAAYLNAQIEAGAQAVMIFDTWGGALADGAYQRFSLDYIRRV
VAQLKREHDGARVPAIAFTKGGGLWLEDLAATGVDAVGLDWTVNLGRARERVAGRVALQGNLDPTILFAPPEAIRAEARA
VLDSYGNHPGHVFNLGHGISQFTPPEHVAELVDEVHRHSRAIRSGTGS
;
_entity_poly.pdbx_strand_id   A
#
# COMPACT_ATOMS: atom_id res chain seq x y z
N GLY A 3 17.13 -21.51 17.19
CA GLY A 3 16.92 -22.44 16.04
C GLY A 3 16.09 -21.83 14.91
N SER A 4 14.95 -21.25 15.25
CA SER A 4 14.03 -20.66 14.26
C SER A 4 14.63 -19.44 13.54
N MET A 5 14.22 -19.21 12.30
CA MET A 5 14.79 -18.16 11.43
C MET A 5 14.49 -16.73 11.89
N ALA A 6 13.41 -16.56 12.63
CA ALA A 6 12.96 -15.22 13.03
C ALA A 6 12.08 -15.33 14.27
N GLN A 7 11.77 -14.21 14.88
CA GLN A 7 10.86 -14.28 16.00
C GLN A 7 9.58 -14.98 15.54
N THR A 8 8.98 -15.71 16.47
CA THR A 8 7.69 -16.32 16.27
C THR A 8 6.68 -15.28 15.81
N LEU A 9 6.02 -15.58 14.69
CA LEU A 9 4.89 -14.77 14.23
C LEU A 9 3.62 -15.54 14.61
N ILE A 10 2.81 -15.00 15.51
CA ILE A 10 1.64 -15.67 16.01
C ILE A 10 0.59 -15.85 14.90
N ASN A 11 0.46 -14.82 14.07
CA ASN A 11 -0.49 -14.80 12.97
C ASN A 11 0.28 -14.41 11.69
N ASP A 12 0.41 -15.35 10.75
CA ASP A 12 1.09 -15.05 9.47
C ASP A 12 0.25 -15.32 8.21
N THR A 13 -1.04 -15.54 8.40
CA THR A 13 -2.00 -15.88 7.30
C THR A 13 -1.90 -14.90 6.12
N PHE A 14 -1.71 -13.61 6.42
CA PHE A 14 -1.53 -12.58 5.38
C PHE A 14 -0.37 -12.90 4.45
N LEU A 15 0.81 -13.23 5.03
CA LEU A 15 1.97 -13.54 4.20
C LEU A 15 1.76 -14.81 3.40
N ARG A 16 1.19 -15.80 4.06
CA ARG A 16 0.90 -17.07 3.39
C ARG A 16 -0.06 -16.92 2.22
N ALA A 17 -1.08 -16.09 2.35
CA ALA A 17 -1.99 -15.90 1.24
C ALA A 17 -1.33 -15.18 0.07
N LEU A 18 -0.48 -14.20 0.36
CA LEU A 18 0.24 -13.53 -0.71
C LEU A 18 1.12 -14.48 -1.50
N LEU A 19 1.54 -15.57 -0.86
CA LEU A 19 2.33 -16.62 -1.54
C LEU A 19 1.51 -17.80 -2.05
N ARG A 20 0.18 -17.68 -2.01
CA ARG A 20 -0.76 -18.69 -2.52
C ARG A 20 -0.62 -20.01 -1.77
N GLU A 21 -0.33 -19.90 -0.49
CA GLU A 21 -0.19 -21.09 0.37
C GLU A 21 -1.55 -21.49 1.01
N PRO A 22 -1.71 -22.76 1.37
CA PRO A 22 -2.88 -23.19 2.15
C PRO A 22 -3.02 -22.39 3.47
N THR A 23 -4.23 -21.94 3.77
CA THR A 23 -4.57 -21.27 5.02
C THR A 23 -5.95 -21.75 5.54
N ASP A 24 -6.26 -21.42 6.80
CA ASP A 24 -7.56 -21.78 7.35
C ASP A 24 -8.68 -20.78 7.05
N TYR A 25 -8.28 -19.57 6.64
CA TYR A 25 -9.22 -18.50 6.42
C TYR A 25 -8.56 -17.43 5.53
N THR A 26 -9.36 -16.48 5.09
CA THR A 26 -8.89 -15.41 4.23
C THR A 26 -8.49 -14.23 5.10
N PRO A 27 -7.21 -13.81 5.02
CA PRO A 27 -6.77 -12.71 5.86
C PRO A 27 -7.27 -11.37 5.34
N ILE A 28 -7.30 -10.39 6.23
CA ILE A 28 -7.83 -9.06 5.88
C ILE A 28 -6.95 -7.98 6.49
N TRP A 29 -6.63 -6.99 5.67
CA TRP A 29 -6.18 -5.70 6.21
C TRP A 29 -6.85 -4.63 5.34
N LEU A 30 -6.86 -3.39 5.83
CA LEU A 30 -7.61 -2.36 5.12
C LEU A 30 -6.82 -1.11 4.84
N MET A 31 -6.86 -0.62 3.61
CA MET A 31 -6.21 0.65 3.30
C MET A 31 -6.80 1.77 4.16
N ARG A 32 -5.90 2.58 4.76
CA ARG A 32 -6.26 3.65 5.69
C ARG A 32 -6.85 3.12 6.98
N GLN A 33 -6.50 1.90 7.38
CA GLN A 33 -6.91 1.35 8.68
C GLN A 33 -6.45 2.25 9.85
N ALA A 34 -5.30 2.93 9.68
CA ALA A 34 -5.01 4.08 10.55
C ALA A 34 -5.51 5.32 9.84
N GLY A 35 -6.52 5.97 10.41
CA GLY A 35 -7.08 7.13 9.74
C GLY A 35 -8.17 7.83 10.53
N ARG A 36 -8.73 8.87 9.93
CA ARG A 36 -9.60 9.81 10.63
C ARG A 36 -10.93 9.24 11.06
N TYR A 37 -11.30 8.05 10.55
CA TYR A 37 -12.51 7.39 11.06
C TYR A 37 -12.36 6.96 12.54
N LEU A 38 -11.12 6.87 13.05
CA LEU A 38 -10.87 6.52 14.46
C LEU A 38 -10.69 7.79 15.29
N PRO A 39 -11.55 7.99 16.32
CA PRO A 39 -11.39 9.18 17.20
C PRO A 39 -10.00 9.27 17.83
N GLU A 40 -9.41 8.12 18.20
CA GLU A 40 -8.03 8.11 18.74
C GLU A 40 -6.94 8.52 17.75
N TYR A 41 -7.14 8.29 16.45
CA TYR A 41 -6.22 8.80 15.43
C TYR A 41 -6.24 10.35 15.47
N ASN A 42 -7.44 10.93 15.53
CA ASN A 42 -7.59 12.39 15.51
C ASN A 42 -6.99 13.02 16.78
N ALA A 43 -7.19 12.35 17.91
CA ALA A 43 -6.55 12.76 19.16
C ALA A 43 -5.02 12.74 19.05
N THR A 44 -4.47 11.66 18.49
CA THR A 44 -3.02 11.60 18.32
C THR A 44 -2.55 12.67 17.34
N ARG A 45 -3.28 12.83 16.25
CA ARG A 45 -2.96 13.85 15.25
C ARG A 45 -2.91 15.23 15.90
N ALA A 46 -3.85 15.50 16.80
CA ALA A 46 -3.88 16.78 17.49
C ALA A 46 -2.62 16.97 18.35
N ARG A 47 -2.16 15.91 19.01
CA ARG A 47 -0.94 16.02 19.85
C ARG A 47 0.29 16.33 18.98
N ALA A 48 0.35 15.71 17.81
CA ALA A 48 1.45 15.86 16.86
C ALA A 48 1.45 17.21 16.18
N GLY A 49 0.27 17.80 15.99
CA GLY A 49 0.16 19.14 15.40
C GLY A 49 -0.21 19.14 13.93
N SER A 50 -0.03 18.00 13.26
CA SER A 50 -0.30 17.87 11.83
C SER A 50 -0.11 16.45 11.35
N PHE A 51 -0.64 16.18 10.16
CA PHE A 51 -0.37 14.92 9.50
C PHE A 51 1.14 14.64 9.34
N LEU A 52 1.91 15.60 8.86
CA LEU A 52 3.35 15.40 8.67
C LEU A 52 4.08 15.16 9.98
N GLY A 53 3.62 15.83 11.04
CA GLY A 53 4.12 15.54 12.39
C GLY A 53 3.98 14.07 12.79
N LEU A 54 2.87 13.46 12.43
CA LEU A 54 2.68 12.02 12.72
C LEU A 54 3.65 11.17 11.91
N ALA A 55 3.79 11.49 10.63
CA ALA A 55 4.61 10.67 9.74
C ALA A 55 6.10 10.81 10.07
N LYS A 56 6.52 12.00 10.52
CA LYS A 56 7.95 12.29 10.65
C LYS A 56 8.55 11.94 12.01
N HIS A 57 7.72 11.47 12.94
CA HIS A 57 8.19 11.07 14.27
C HIS A 57 7.81 9.68 14.57
N PRO A 58 8.80 8.78 14.70
CA PRO A 58 8.57 7.34 14.77
C PRO A 58 7.65 6.92 15.91
N ASP A 59 7.69 7.61 17.05
CA ASP A 59 6.73 7.31 18.15
C ASP A 59 5.28 7.55 17.75
N TYR A 60 5.00 8.67 17.06
CA TYR A 60 3.64 8.92 16.57
C TYR A 60 3.24 7.94 15.47
N ALA A 61 4.13 7.74 14.49
CA ALA A 61 3.86 6.79 13.41
C ALA A 61 3.50 5.40 13.98
N THR A 62 4.27 4.96 14.98
CA THR A 62 4.07 3.66 15.63
C THR A 62 2.73 3.63 16.35
N GLU A 63 2.44 4.70 17.09
CA GLU A 63 1.19 4.80 17.84
C GLU A 63 -0.02 4.63 16.91
N VAL A 64 -0.07 5.41 15.83
CA VAL A 64 -1.25 5.31 14.95
C VAL A 64 -1.26 4.01 14.17
N THR A 65 -0.10 3.46 13.81
CA THR A 65 -0.06 2.14 13.13
C THR A 65 -0.77 1.05 13.97
N LEU A 66 -0.55 1.09 15.28
CA LEU A 66 -1.09 0.08 16.19
C LEU A 66 -2.57 0.28 16.56
N GLN A 67 -3.07 1.51 16.47
CA GLN A 67 -4.47 1.80 16.84
C GLN A 67 -5.54 0.85 16.25
N PRO A 68 -5.53 0.65 14.91
CA PRO A 68 -6.58 -0.25 14.41
C PRO A 68 -6.44 -1.69 14.93
N LEU A 69 -5.21 -2.10 15.26
CA LEU A 69 -4.96 -3.47 15.76
CA LEU A 69 -4.97 -3.47 15.76
C LEU A 69 -5.50 -3.63 17.19
N GLU A 70 -5.61 -2.53 17.92
CA GLU A 70 -6.22 -2.57 19.25
C GLU A 70 -7.73 -2.69 19.17
N ARG A 71 -8.31 -2.23 18.06
CA ARG A 71 -9.76 -2.36 17.92
C ARG A 71 -10.20 -3.59 17.22
N PHE A 72 -9.44 -4.02 16.20
CA PHE A 72 -9.93 -5.06 15.30
C PHE A 72 -8.88 -6.14 15.09
N PRO A 73 -9.30 -7.40 14.93
CA PRO A 73 -8.29 -8.45 14.75
C PRO A 73 -7.80 -8.54 13.29
N LEU A 74 -7.27 -7.43 12.79
CA LEU A 74 -6.73 -7.36 11.43
C LEU A 74 -5.50 -8.27 11.31
N ASP A 75 -5.24 -8.74 10.09
CA ASP A 75 -4.18 -9.73 9.88
C ASP A 75 -2.83 -9.15 9.54
N ALA A 76 -2.74 -7.82 9.46
CA ALA A 76 -1.47 -7.14 9.19
C ALA A 76 -1.53 -5.72 9.67
N ALA A 77 -0.36 -5.18 9.99
CA ALA A 77 -0.15 -3.76 10.16
C ALA A 77 0.53 -3.18 8.90
N ILE A 78 0.24 -1.92 8.62
CA ILE A 78 0.92 -1.21 7.55
C ILE A 78 1.61 -0.01 8.14
N LEU A 79 2.88 0.14 7.80
CA LEU A 79 3.65 1.31 8.21
C LEU A 79 2.82 2.56 7.99
N PHE A 80 2.72 3.41 9.02
CA PHE A 80 2.08 4.70 8.79
C PHE A 80 3.11 5.66 8.23
N SER A 81 2.87 6.14 7.02
CA SER A 81 3.73 7.17 6.44
C SER A 81 2.90 7.84 5.34
N ASP A 82 3.59 8.49 4.41
CA ASP A 82 2.98 9.02 3.21
CA ASP A 82 2.97 9.06 3.21
C ASP A 82 3.84 8.72 2.01
N ILE A 83 3.21 8.57 0.84
CA ILE A 83 3.96 8.28 -0.39
C ILE A 83 4.92 9.42 -0.74
N LEU A 84 4.61 10.63 -0.29
CA LEU A 84 5.36 11.81 -0.70
C LEU A 84 6.66 12.05 0.07
N THR A 85 7.00 11.16 1.00
CA THR A 85 8.29 11.23 1.68
C THR A 85 9.46 11.28 0.69
N ILE A 86 9.40 10.48 -0.37
CA ILE A 86 10.50 10.44 -1.35
C ILE A 86 10.74 11.82 -2.00
N PRO A 87 9.71 12.43 -2.63
CA PRO A 87 9.98 13.75 -3.25
C PRO A 87 10.35 14.83 -2.22
N ASP A 88 9.81 14.73 -1.01
CA ASP A 88 10.27 15.58 0.09
C ASP A 88 11.80 15.44 0.32
N ALA A 89 12.30 14.20 0.40
CA ALA A 89 13.73 13.90 0.58
C ALA A 89 14.55 14.35 -0.62
N MET A 90 13.94 14.38 -1.81
CA MET A 90 14.56 14.95 -2.99
C MET A 90 14.69 16.47 -2.94
N GLY A 91 14.06 17.09 -1.94
CA GLY A 91 14.20 18.52 -1.69
C GLY A 91 13.13 19.39 -2.30
N LEU A 92 11.97 18.81 -2.60
CA LEU A 92 10.91 19.56 -3.26
C LEU A 92 10.03 20.37 -2.29
N GLY A 93 10.24 20.16 -0.99
CA GLY A 93 9.57 20.96 0.04
C GLY A 93 8.10 20.64 0.18
N LEU A 94 7.80 19.48 0.76
CA LEU A 94 6.43 19.06 1.00
C LEU A 94 5.79 19.81 2.17
N ASP A 95 4.51 20.18 2.00
CA ASP A 95 3.70 20.70 3.10
C ASP A 95 2.25 20.22 2.95
N PHE A 96 1.51 20.24 4.07
CA PHE A 96 0.09 19.92 4.12
C PHE A 96 -0.69 21.03 4.84
N GLY A 101 -4.91 19.54 0.75
CA GLY A 101 -4.02 18.46 0.39
C GLY A 101 -2.56 18.84 0.39
N PRO A 102 -1.70 18.01 -0.25
CA PRO A 102 -0.25 18.26 -0.30
C PRO A 102 0.13 19.34 -1.32
N LYS A 103 1.21 20.05 -1.02
CA LYS A 103 1.79 21.07 -1.90
C LYS A 103 3.32 20.97 -1.83
N PHE A 104 3.99 21.19 -2.97
CA PHE A 104 5.44 21.28 -2.99
C PHE A 104 5.88 22.73 -3.20
N ALA A 105 6.89 23.17 -2.46
CA ALA A 105 7.51 24.47 -2.69
C ALA A 105 8.19 24.53 -4.05
N HIS A 106 8.65 23.38 -4.55
CA HIS A 106 9.37 23.33 -5.83
C HIS A 106 8.81 22.31 -6.82
N PRO A 107 7.66 22.62 -7.49
CA PRO A 107 7.18 21.69 -8.53
C PRO A 107 8.20 21.43 -9.67
N VAL A 108 8.15 20.23 -10.25
CA VAL A 108 9.11 19.82 -11.27
C VAL A 108 8.53 20.15 -12.65
N ARG A 109 9.09 21.17 -13.31
CA ARG A 109 8.48 21.66 -14.56
C ARG A 109 9.41 21.75 -15.77
N THR A 110 10.69 22.03 -15.53
CA THR A 110 11.64 22.33 -16.61
C THR A 110 12.72 21.27 -16.69
N GLU A 111 13.49 21.28 -17.79
CA GLU A 111 14.65 20.38 -17.91
C GLU A 111 15.62 20.55 -16.75
N ALA A 112 15.85 21.79 -16.31
CA ALA A 112 16.75 22.06 -15.18
C ALA A 112 16.23 21.52 -13.85
N ASP A 113 14.92 21.57 -13.64
CA ASP A 113 14.28 20.97 -12.45
C ASP A 113 14.56 19.46 -12.41
N VAL A 114 14.34 18.82 -13.55
CA VAL A 114 14.56 17.38 -13.70
C VAL A 114 16.03 17.03 -13.45
N ALA A 115 16.93 17.86 -13.97
CA ALA A 115 18.36 17.63 -13.82
C ALA A 115 18.78 17.62 -12.35
N LYS A 116 18.07 18.37 -11.52
CA LYS A 116 18.37 18.42 -10.08
C LYS A 116 17.88 17.18 -9.30
N LEU A 117 17.04 16.35 -9.92
CA LEU A 117 16.52 15.15 -9.25
C LEU A 117 17.57 14.06 -9.15
N ALA A 118 17.66 13.49 -7.95
CA ALA A 118 18.62 12.43 -7.67
C ALA A 118 17.99 11.47 -6.66
N VAL A 119 18.44 10.22 -6.69
CA VAL A 119 18.05 9.28 -5.65
C VAL A 119 18.57 9.81 -4.32
N PRO A 120 17.66 9.93 -3.33
CA PRO A 120 18.07 10.38 -2.00
C PRO A 120 18.87 9.27 -1.31
N ASP A 121 19.83 9.67 -0.48
CA ASP A 121 20.49 8.78 0.47
C ASP A 121 19.40 8.48 1.49
N ILE A 122 18.87 7.26 1.43
CA ILE A 122 17.68 6.90 2.22
C ILE A 122 17.97 6.98 3.71
N GLY A 123 19.14 6.52 4.11
CA GLY A 123 19.57 6.56 5.52
C GLY A 123 19.65 7.98 6.07
N ALA A 124 20.21 8.89 5.28
CA ALA A 124 20.42 10.28 5.70
C ALA A 124 19.20 11.21 5.61
N THR A 125 18.25 10.91 4.72
CA THR A 125 17.13 11.83 4.51
C THR A 125 15.81 11.23 4.98
N LEU A 126 15.74 9.90 5.05
CA LEU A 126 14.49 9.22 5.36
C LEU A 126 14.68 8.23 6.51
N GLY A 127 15.61 8.55 7.40
CA GLY A 127 15.84 7.72 8.58
C GLY A 127 14.61 7.63 9.45
N TYR A 128 13.75 8.64 9.39
CA TYR A 128 12.54 8.60 10.22
C TYR A 128 11.60 7.52 9.80
N VAL A 129 11.62 7.17 8.52
CA VAL A 129 10.77 6.08 8.01
C VAL A 129 11.32 4.73 8.47
N THR A 130 12.60 4.48 8.27
CA THR A 130 13.17 3.21 8.73
C THR A 130 13.14 3.08 10.26
N ASP A 131 13.32 4.21 10.97
CA ASP A 131 13.14 4.22 12.44
C ASP A 131 11.70 3.83 12.83
N ALA A 132 10.70 4.34 12.11
CA ALA A 132 9.33 3.88 12.36
C ALA A 132 9.16 2.35 12.12
N VAL A 133 9.75 1.84 11.04
CA VAL A 133 9.66 0.40 10.77
C VAL A 133 10.26 -0.39 11.93
N ARG A 134 11.44 0.04 12.39
CA ARG A 134 12.12 -0.64 13.52
C ARG A 134 11.29 -0.58 14.77
N GLU A 135 10.74 0.59 15.06
CA GLU A 135 9.93 0.79 16.27
C GLU A 135 8.63 -0.02 16.22
N ILE A 136 7.98 -0.05 15.06
CA ILE A 136 6.75 -0.83 14.90
C ILE A 136 7.00 -2.32 15.10
N ARG A 137 8.10 -2.85 14.56
CA ARG A 137 8.46 -4.25 14.81
C ARG A 137 8.67 -4.53 16.31
N ARG A 138 9.31 -3.60 17.01
CA ARG A 138 9.45 -3.78 18.46
C ARG A 138 8.09 -3.70 19.16
N ALA A 139 7.23 -2.78 18.74
CA ALA A 139 5.90 -2.62 19.34
C ALA A 139 4.95 -3.79 19.09
N LEU A 140 5.15 -4.48 17.97
CA LEU A 140 4.33 -5.65 17.64
C LEU A 140 4.77 -6.91 18.37
N THR A 141 5.83 -6.79 19.17
CA THR A 141 6.40 -7.90 19.95
C THR A 141 5.79 -7.94 21.36
N ASP A 142 5.28 -9.11 21.76
CA ASP A 142 4.70 -9.32 23.08
C ASP A 142 5.77 -9.61 24.14
N GLY A 143 5.31 -9.91 25.35
CA GLY A 143 6.19 -10.17 26.50
C GLY A 143 7.09 -11.39 26.35
N GLU A 144 6.72 -12.31 25.46
CA GLU A 144 7.52 -13.52 25.25
C GLU A 144 8.40 -13.44 24.00
N GLY A 145 8.43 -12.26 23.37
CA GLY A 145 9.26 -12.05 22.18
C GLY A 145 8.61 -12.40 20.83
N ARG A 146 7.31 -12.73 20.82
CA ARG A 146 6.63 -13.17 19.60
C ARG A 146 5.98 -11.98 18.91
N GLN A 147 5.93 -12.00 17.58
CA GLN A 147 5.28 -10.94 16.83
C GLN A 147 3.78 -11.21 16.62
N ARG A 148 2.95 -10.18 16.80
CA ARG A 148 1.50 -10.37 16.72
C ARG A 148 1.01 -10.60 15.29
N VAL A 149 1.38 -9.70 14.38
CA VAL A 149 1.00 -9.74 12.94
C VAL A 149 2.15 -9.19 12.10
N PRO A 150 2.20 -9.54 10.79
CA PRO A 150 3.25 -9.03 9.89
C PRO A 150 3.13 -7.54 9.62
N LEU A 151 4.24 -6.92 9.23
CA LEU A 151 4.26 -5.51 8.89
C LEU A 151 4.47 -5.27 7.41
N ILE A 152 3.63 -4.42 6.83
CA ILE A 152 3.69 -4.06 5.41
C ILE A 152 4.44 -2.71 5.28
N GLY A 153 5.46 -2.68 4.41
CA GLY A 153 6.11 -1.41 4.02
C GLY A 153 5.50 -0.96 2.71
N PHE A 154 5.73 0.30 2.31
CA PHE A 154 5.05 0.78 1.09
C PHE A 154 5.71 2.00 0.48
N SER A 155 5.35 2.23 -0.78
CA SER A 155 5.79 3.41 -1.52
C SER A 155 4.73 3.72 -2.56
N GLY A 156 4.69 4.97 -3.00
CA GLY A 156 4.03 5.29 -4.27
C GLY A 156 4.78 4.71 -5.45
N SER A 157 4.07 4.50 -6.54
CA SER A 157 4.72 4.07 -7.77
C SER A 157 5.49 5.24 -8.40
N PRO A 158 6.43 4.93 -9.30
CA PRO A 158 7.13 6.02 -9.95
C PRO A 158 6.18 7.03 -10.64
N TRP A 159 5.15 6.53 -11.34
CA TRP A 159 4.21 7.43 -12.00
C TRP A 159 3.41 8.24 -11.00
N THR A 160 2.89 7.59 -9.97
CA THR A 160 2.06 8.30 -9.01
C THR A 160 2.87 9.40 -8.29
N LEU A 161 4.14 9.13 -7.93
CA LEU A 161 5.03 10.15 -7.38
C LEU A 161 5.24 11.30 -8.37
N ALA A 162 5.49 10.96 -9.63
CA ALA A 162 5.66 11.94 -10.71
C ALA A 162 4.45 12.89 -10.83
N CYS A 163 3.24 12.34 -10.69
CA CYS A 163 2.02 13.14 -10.71
C CYS A 163 2.06 14.28 -9.71
N TYR A 164 2.35 13.97 -8.45
CA TYR A 164 2.42 15.01 -7.43
C TYR A 164 3.59 15.96 -7.63
N MET A 165 4.71 15.42 -8.09
CA MET A 165 5.97 16.17 -8.27
C MET A 165 5.86 17.26 -9.35
N VAL A 166 5.22 16.90 -10.46
CA VAL A 166 5.04 17.83 -11.59
C VAL A 166 3.86 18.77 -11.32
N GLU A 167 2.78 18.23 -10.79
CA GLU A 167 1.60 19.05 -10.48
C GLU A 167 1.95 20.09 -9.41
N GLY A 168 2.82 19.70 -8.49
CA GLY A 168 3.26 20.57 -7.40
C GLY A 168 2.35 20.42 -6.20
N GLY A 169 1.63 19.31 -6.16
CA GLY A 169 0.68 19.03 -5.09
C GLY A 169 -0.46 18.17 -5.59
N GLY A 170 -1.52 18.09 -4.79
CA GLY A 170 -2.70 17.28 -5.10
C GLY A 170 -3.53 17.76 -6.26
N SER A 171 -4.35 16.84 -6.80
CA SER A 171 -5.20 17.13 -7.95
C SER A 171 -6.38 16.17 -8.01
N ASP A 172 -7.39 16.55 -8.79
CA ASP A 172 -8.57 15.73 -9.04
C ASP A 172 -8.50 14.97 -10.36
N ASP A 173 -7.57 15.34 -11.24
CA ASP A 173 -7.39 14.64 -12.52
C ASP A 173 -5.94 14.53 -13.02
N PHE A 174 -5.04 15.36 -12.48
CA PHE A 174 -3.61 15.41 -12.88
C PHE A 174 -3.43 15.65 -14.39
N ARG A 175 -4.32 16.43 -14.96
CA ARG A 175 -4.24 16.77 -16.38
C ARG A 175 -2.90 17.45 -16.75
N THR A 176 -2.34 18.26 -15.86
CA THR A 176 -1.06 18.95 -16.14
C THR A 176 0.15 18.02 -16.36
N VAL A 177 0.28 16.99 -15.52
CA VAL A 177 1.35 15.99 -15.68
C VAL A 177 1.13 15.11 -16.92
N LYS A 178 -0.12 14.69 -17.15
CA LYS A 178 -0.39 13.86 -18.33
C LYS A 178 -0.05 14.64 -19.58
N SER A 179 -0.38 15.94 -19.59
CA SER A 179 -0.07 16.73 -20.78
C SER A 179 1.43 16.88 -20.99
N MET A 180 2.22 16.97 -19.90
CA MET A 180 3.68 16.90 -19.96
C MET A 180 4.25 15.57 -20.54
N ALA A 181 3.59 14.45 -20.22
CA ALA A 181 4.00 13.15 -20.78
C ALA A 181 3.88 13.14 -22.30
N TYR A 182 2.84 13.81 -22.81
CA TYR A 182 2.65 13.88 -24.26
C TYR A 182 3.50 14.95 -24.91
N ALA A 183 3.70 16.06 -24.20
CA ALA A 183 4.45 17.21 -24.74
C ALA A 183 5.98 17.09 -24.59
N ARG A 184 6.42 16.51 -23.47
CA ARG A 184 7.85 16.38 -23.19
C ARG A 184 8.12 14.97 -22.65
N PRO A 185 7.93 13.93 -23.51
CA PRO A 185 8.10 12.56 -23.02
C PRO A 185 9.52 12.26 -22.49
N ASP A 186 10.55 12.86 -23.09
CA ASP A 186 11.93 12.64 -22.62
C ASP A 186 12.14 13.08 -21.17
N LEU A 187 11.61 14.24 -20.81
CA LEU A 187 11.70 14.77 -19.44
C LEU A 187 10.91 13.87 -18.52
N MET A 188 9.72 13.48 -18.96
CA MET A 188 8.87 12.59 -18.15
C MET A 188 9.61 11.29 -17.84
N HIS A 189 10.22 10.69 -18.86
CA HIS A 189 10.98 9.44 -18.66
C HIS A 189 12.13 9.62 -17.69
N ARG A 190 12.82 10.77 -17.78
CA ARG A 190 13.91 11.10 -16.84
C ARG A 190 13.42 11.15 -15.38
N ILE A 191 12.25 11.78 -15.17
CA ILE A 191 11.64 11.81 -13.84
C ILE A 191 11.30 10.40 -13.35
N LEU A 192 10.69 9.62 -14.23
CA LEU A 192 10.28 8.25 -13.91
C LEU A 192 11.47 7.33 -13.59
N ASP A 193 12.57 7.51 -14.33
CA ASP A 193 13.82 6.76 -14.14
C ASP A 193 14.37 6.99 -12.74
N VAL A 194 14.52 8.26 -12.36
CA VAL A 194 15.01 8.63 -11.02
C VAL A 194 14.03 8.14 -9.95
N ASN A 195 12.72 8.31 -10.17
CA ASN A 195 11.73 7.83 -9.20
C ASN A 195 11.80 6.31 -8.97
N ALA A 196 11.99 5.55 -10.04
CA ALA A 196 12.06 4.08 -9.93
C ALA A 196 13.27 3.66 -9.10
N GLN A 197 14.41 4.31 -9.33
CA GLN A 197 15.60 4.01 -8.53
C GLN A 197 15.38 4.35 -7.06
N ALA A 198 14.76 5.50 -6.81
CA ALA A 198 14.44 5.93 -5.46
C ALA A 198 13.42 5.01 -4.78
N VAL A 199 12.37 4.60 -5.50
CA VAL A 199 11.37 3.68 -4.92
C VAL A 199 12.00 2.32 -4.54
N ALA A 200 12.89 1.78 -5.39
CA ALA A 200 13.53 0.51 -5.07
C ALA A 200 14.44 0.66 -3.85
N ALA A 201 15.19 1.75 -3.79
CA ALA A 201 16.10 1.97 -2.65
C ALA A 201 15.29 2.11 -1.36
N TYR A 202 14.16 2.80 -1.47
CA TYR A 202 13.30 3.12 -0.31
C TYR A 202 12.63 1.85 0.23
N LEU A 203 12.04 1.08 -0.66
CA LEU A 203 11.45 -0.20 -0.26
C LEU A 203 12.49 -1.18 0.30
N ASN A 204 13.65 -1.30 -0.33
CA ASN A 204 14.72 -2.14 0.17
C ASN A 204 15.17 -1.72 1.57
N ALA A 205 15.28 -0.41 1.81
CA ALA A 205 15.60 0.10 3.16
C ALA A 205 14.55 -0.32 4.18
N GLN A 206 13.27 -0.15 3.81
CA GLN A 206 12.17 -0.61 4.67
C GLN A 206 12.23 -2.12 4.98
N ILE A 207 12.53 -2.93 3.97
CA ILE A 207 12.71 -4.40 4.15
C ILE A 207 13.85 -4.69 5.13
N GLU A 208 14.99 -4.00 4.95
CA GLU A 208 16.13 -4.25 5.82
C GLU A 208 15.80 -3.88 7.25
N ALA A 209 14.94 -2.89 7.43
CA ALA A 209 14.52 -2.43 8.76
C ALA A 209 13.44 -3.32 9.40
N GLY A 210 12.81 -4.19 8.59
CA GLY A 210 11.86 -5.17 9.11
C GLY A 210 10.47 -5.22 8.44
N ALA A 211 10.27 -4.52 7.32
CA ALA A 211 9.03 -4.74 6.53
C ALA A 211 9.06 -6.16 5.96
N GLN A 212 7.95 -6.87 6.13
CA GLN A 212 7.87 -8.29 5.74
C GLN A 212 7.08 -8.51 4.45
N ALA A 213 6.42 -7.44 3.98
CA ALA A 213 5.82 -7.44 2.63
C ALA A 213 5.93 -5.98 2.17
N VAL A 214 5.94 -5.74 0.86
CA VAL A 214 5.95 -4.35 0.38
C VAL A 214 4.87 -4.12 -0.66
N MET A 215 4.27 -2.93 -0.60
CA MET A 215 3.19 -2.61 -1.51
C MET A 215 3.50 -1.33 -2.27
N ILE A 216 3.25 -1.38 -3.59
CA ILE A 216 3.46 -0.24 -4.47
C ILE A 216 2.07 0.30 -4.80
N PHE A 217 1.81 1.53 -4.38
CA PHE A 217 0.57 2.19 -4.63
C PHE A 217 0.65 3.02 -5.91
N ASP A 218 0.04 2.51 -6.98
CA ASP A 218 -0.05 3.25 -8.25
C ASP A 218 -1.43 3.88 -8.38
N THR A 219 -1.76 4.74 -7.41
CA THR A 219 -3.12 5.25 -7.29
C THR A 219 -3.59 6.01 -8.53
N TRP A 220 -2.67 6.68 -9.21
CA TRP A 220 -3.02 7.46 -10.39
C TRP A 220 -2.69 6.84 -11.73
N GLY A 221 -2.25 5.59 -11.73
CA GLY A 221 -1.98 4.90 -12.98
C GLY A 221 -3.20 4.72 -13.85
N GLY A 222 -4.36 4.59 -13.20
CA GLY A 222 -5.61 4.42 -13.93
C GLY A 222 -6.13 5.66 -14.63
N ALA A 223 -5.48 6.80 -14.43
CA ALA A 223 -5.79 8.01 -15.21
C ALA A 223 -5.21 7.93 -16.63
N LEU A 224 -4.26 7.02 -16.85
CA LEU A 224 -3.56 6.95 -18.15
C LEU A 224 -4.25 6.13 -19.24
N ALA A 225 -4.13 6.59 -20.49
CA ALA A 225 -4.63 5.81 -21.64
C ALA A 225 -3.90 4.49 -21.80
N ASP A 226 -4.58 3.51 -22.35
CA ASP A 226 -3.86 2.30 -22.76
C ASP A 226 -2.65 2.71 -23.62
N GLY A 227 -1.53 2.02 -23.46
CA GLY A 227 -0.31 2.42 -24.14
C GLY A 227 0.51 3.34 -23.24
N ALA A 228 -0.03 4.52 -22.94
CA ALA A 228 0.59 5.45 -21.98
C ALA A 228 0.76 4.77 -20.61
N TYR A 229 -0.21 3.94 -20.20
CA TYR A 229 -0.11 3.29 -18.87
C TYR A 229 1.13 2.42 -18.82
N GLN A 230 1.33 1.64 -19.89
CA GLN A 230 2.46 0.72 -19.94
C GLN A 230 3.77 1.48 -20.01
N ARG A 231 3.83 2.52 -20.86
CA ARG A 231 5.06 3.28 -21.07
C ARG A 231 5.45 4.15 -19.89
N PHE A 232 4.47 4.74 -19.19
CA PHE A 232 4.80 5.75 -18.17
C PHE A 232 4.62 5.26 -16.73
N SER A 233 3.90 4.15 -16.57
CA SER A 233 3.68 3.58 -15.22
C SER A 233 4.21 2.15 -15.11
N LEU A 234 3.65 1.24 -15.91
CA LEU A 234 3.91 -0.19 -15.73
C LEU A 234 5.38 -0.56 -15.88
N ASP A 235 6.03 -0.03 -16.92
CA ASP A 235 7.44 -0.34 -17.16
C ASP A 235 8.29 0.04 -15.95
N TYR A 236 7.91 1.12 -15.27
CA TYR A 236 8.63 1.58 -14.08
C TYR A 236 8.32 0.78 -12.81
N ILE A 237 7.10 0.26 -12.73
CA ILE A 237 6.78 -0.74 -11.68
C ILE A 237 7.66 -1.97 -11.87
N ARG A 238 7.74 -2.45 -13.11
CA ARG A 238 8.63 -3.59 -13.41
C ARG A 238 10.11 -3.30 -13.03
N ARG A 239 10.60 -2.11 -13.39
CA ARG A 239 11.97 -1.68 -13.04
C ARG A 239 12.24 -1.70 -11.52
N VAL A 240 11.25 -1.25 -10.75
CA VAL A 240 11.33 -1.30 -9.28
C VAL A 240 11.41 -2.77 -8.82
N VAL A 241 10.47 -3.59 -9.27
CA VAL A 241 10.38 -4.98 -8.79
C VAL A 241 11.64 -5.80 -9.10
N ALA A 242 12.24 -5.50 -10.25
CA ALA A 242 13.45 -6.17 -10.69
C ALA A 242 14.62 -5.92 -9.73
N GLN A 243 14.53 -4.83 -8.97
CA GLN A 243 15.59 -4.39 -8.06
C GLN A 243 15.28 -4.57 -6.59
N LEU A 244 14.14 -5.17 -6.28
CA LEU A 244 13.73 -5.40 -4.88
C LEU A 244 14.36 -6.63 -4.24
N LYS A 245 14.70 -6.52 -2.96
CA LYS A 245 15.02 -7.71 -2.16
C LYS A 245 13.80 -8.61 -2.12
N ARG A 246 13.96 -9.88 -2.44
CA ARG A 246 12.80 -10.79 -2.45
C ARG A 246 12.77 -11.68 -1.23
N GLU A 247 13.84 -11.65 -0.43
CA GLU A 247 13.93 -12.44 0.80
C GLU A 247 14.59 -11.61 1.91
N HIS A 248 14.23 -11.90 3.15
CA HIS A 248 14.84 -11.24 4.33
C HIS A 248 14.50 -12.00 5.56
N ASP A 249 15.47 -12.10 6.50
CA ASP A 249 15.25 -12.84 7.76
C ASP A 249 14.73 -14.27 7.55
N GLY A 250 15.19 -14.92 6.48
CA GLY A 250 14.85 -16.31 6.18
C GLY A 250 13.49 -16.53 5.55
N ALA A 251 12.81 -15.45 5.18
CA ALA A 251 11.48 -15.56 4.57
C ALA A 251 11.39 -14.78 3.27
N ARG A 252 10.57 -15.28 2.34
CA ARG A 252 10.16 -14.49 1.20
C ARG A 252 9.47 -13.21 1.68
N VAL A 253 9.80 -12.10 1.03
CA VAL A 253 9.14 -10.80 1.25
C VAL A 253 8.24 -10.59 0.04
N PRO A 254 6.92 -10.82 0.19
CA PRO A 254 6.05 -10.67 -0.98
C PRO A 254 5.94 -9.22 -1.42
N ALA A 255 5.89 -9.00 -2.74
CA ALA A 255 5.67 -7.66 -3.31
C ALA A 255 4.27 -7.55 -3.94
N ILE A 256 3.57 -6.45 -3.63
CA ILE A 256 2.20 -6.20 -4.10
C ILE A 256 2.20 -4.94 -4.95
N ALA A 257 1.54 -4.95 -6.10
CA ALA A 257 1.28 -3.71 -6.85
C ALA A 257 -0.21 -3.47 -7.04
N PHE A 258 -0.62 -2.21 -6.92
CA PHE A 258 -2.01 -1.85 -7.04
C PHE A 258 -2.15 -0.60 -7.90
N THR A 259 -2.68 -0.77 -9.11
CA THR A 259 -3.09 0.38 -9.93
C THR A 259 -4.62 0.49 -9.81
N LYS A 260 -5.11 1.54 -9.15
CA LYS A 260 -6.54 1.76 -9.04
C LYS A 260 -7.03 2.10 -10.45
N GLY A 261 -8.13 1.49 -10.85
CA GLY A 261 -8.63 1.67 -12.21
C GLY A 261 -7.85 0.84 -13.22
N GLY A 262 -7.06 -0.10 -12.75
CA GLY A 262 -6.16 -0.88 -13.61
C GLY A 262 -6.63 -2.28 -13.99
N GLY A 263 -7.93 -2.53 -13.89
CA GLY A 263 -8.51 -3.87 -14.10
C GLY A 263 -8.29 -4.44 -15.48
N LEU A 264 -8.20 -3.57 -16.49
CA LEU A 264 -7.92 -4.00 -17.86
C LEU A 264 -6.50 -4.49 -18.04
N TRP A 265 -5.60 -4.08 -17.15
CA TRP A 265 -4.20 -4.42 -17.28
C TRP A 265 -3.72 -5.44 -16.27
N LEU A 266 -4.65 -6.24 -15.75
CA LEU A 266 -4.30 -7.21 -14.71
C LEU A 266 -3.24 -8.19 -15.20
N GLU A 267 -3.40 -8.69 -16.42
CA GLU A 267 -2.45 -9.67 -16.93
C GLU A 267 -1.06 -9.04 -17.03
N ASP A 268 -1.01 -7.77 -17.46
CA ASP A 268 0.25 -7.03 -17.60
C ASP A 268 0.93 -6.87 -16.23
N LEU A 269 0.13 -6.47 -15.24
CA LEU A 269 0.63 -6.26 -13.87
C LEU A 269 1.12 -7.59 -13.30
N ALA A 270 0.41 -8.67 -13.62
CA ALA A 270 0.72 -9.98 -13.06
C ALA A 270 1.98 -10.58 -13.67
N ALA A 271 2.44 -9.98 -14.76
CA ALA A 271 3.67 -10.40 -15.42
C ALA A 271 4.91 -9.56 -15.04
N THR A 272 4.75 -8.61 -14.13
CA THR A 272 5.86 -7.75 -13.73
C THR A 272 6.85 -8.38 -12.77
N GLY A 273 6.48 -9.50 -12.18
CA GLY A 273 7.33 -10.15 -11.17
C GLY A 273 6.79 -10.01 -9.75
N VAL A 274 5.73 -9.22 -9.56
CA VAL A 274 5.12 -9.10 -8.22
C VAL A 274 4.53 -10.43 -7.78
N ASP A 275 4.36 -10.61 -6.47
CA ASP A 275 3.69 -11.77 -5.94
C ASP A 275 2.17 -11.62 -5.93
N ALA A 276 1.71 -10.38 -5.93
CA ALA A 276 0.28 -10.09 -5.71
C ALA A 276 -0.13 -8.79 -6.41
N VAL A 277 -1.37 -8.74 -6.88
CA VAL A 277 -1.91 -7.54 -7.53
C VAL A 277 -3.17 -7.09 -6.76
N GLY A 278 -3.24 -5.80 -6.44
CA GLY A 278 -4.44 -5.21 -5.79
C GLY A 278 -5.49 -4.86 -6.83
N LEU A 279 -6.77 -4.92 -6.46
CA LEU A 279 -7.86 -4.68 -7.39
C LEU A 279 -8.88 -3.76 -6.78
N ASP A 280 -9.54 -2.97 -7.62
CA ASP A 280 -10.65 -2.17 -7.12
C ASP A 280 -11.97 -2.89 -7.34
N TRP A 281 -13.07 -2.26 -6.89
CA TRP A 281 -14.36 -2.92 -6.78
C TRP A 281 -15.04 -3.20 -8.09
N THR A 282 -14.58 -2.56 -9.17
CA THR A 282 -15.21 -2.79 -10.49
C THR A 282 -14.83 -4.15 -11.08
N VAL A 283 -13.78 -4.77 -10.53
CA VAL A 283 -13.27 -6.03 -11.09
C VAL A 283 -14.00 -7.24 -10.51
N ASN A 284 -14.46 -8.14 -11.38
CA ASN A 284 -15.00 -9.38 -10.88
C ASN A 284 -13.87 -10.21 -10.33
N LEU A 285 -13.87 -10.46 -9.02
CA LEU A 285 -12.73 -11.14 -8.37
C LEU A 285 -12.50 -12.57 -8.88
N GLY A 286 -13.59 -13.33 -9.06
CA GLY A 286 -13.48 -14.69 -9.60
C GLY A 286 -12.92 -14.71 -11.02
N ARG A 287 -13.37 -13.78 -11.87
CA ARG A 287 -12.84 -13.69 -13.23
C ARG A 287 -11.36 -13.30 -13.22
N ALA A 288 -10.99 -12.43 -12.29
CA ALA A 288 -9.60 -12.01 -12.17
C ALA A 288 -8.72 -13.18 -11.78
N ARG A 289 -9.22 -14.00 -10.84
CA ARG A 289 -8.51 -15.22 -10.42
C ARG A 289 -8.25 -16.14 -11.61
N GLU A 290 -9.28 -16.33 -12.45
CA GLU A 290 -9.15 -17.11 -13.69
C GLU A 290 -8.16 -16.46 -14.64
N ARG A 291 -8.25 -15.13 -14.78
CA ARG A 291 -7.40 -14.39 -15.70
C ARG A 291 -5.91 -14.55 -15.37
N VAL A 292 -5.57 -14.51 -14.08
CA VAL A 292 -4.18 -14.72 -13.69
C VAL A 292 -3.80 -16.19 -13.54
N ALA A 293 -4.79 -17.08 -13.57
CA ALA A 293 -4.54 -18.54 -13.49
C ALA A 293 -3.57 -18.96 -12.37
N GLY A 294 -3.77 -18.37 -11.19
CA GLY A 294 -2.91 -18.67 -10.03
C GLY A 294 -1.48 -18.22 -10.09
N ARG A 295 -1.14 -17.35 -11.04
CA ARG A 295 0.23 -16.85 -11.18
C ARG A 295 0.58 -15.91 -10.03
N VAL A 296 -0.42 -15.16 -9.57
CA VAL A 296 -0.23 -14.17 -8.49
C VAL A 296 -1.42 -14.25 -7.55
N ALA A 297 -1.20 -13.84 -6.32
CA ALA A 297 -2.30 -13.59 -5.36
C ALA A 297 -3.06 -12.33 -5.76
N LEU A 298 -4.31 -12.23 -5.31
CA LEU A 298 -5.12 -11.03 -5.55
C LEU A 298 -5.51 -10.41 -4.21
N GLN A 299 -5.44 -9.09 -4.15
CA GLN A 299 -5.84 -8.36 -2.94
C GLN A 299 -7.02 -7.43 -3.26
N GLY A 300 -8.03 -7.39 -2.39
CA GLY A 300 -9.21 -6.52 -2.62
C GLY A 300 -10.50 -7.30 -2.36
N ASN A 301 -11.67 -6.78 -2.76
CA ASN A 301 -11.78 -5.56 -3.54
C ASN A 301 -13.04 -4.82 -3.20
N LEU A 302 -13.44 -4.85 -1.93
CA LEU A 302 -14.72 -4.28 -1.53
C LEU A 302 -14.81 -2.76 -1.75
N ASP A 303 -15.97 -2.29 -2.25
CA ASP A 303 -16.22 -0.84 -2.35
C ASP A 303 -16.28 -0.25 -0.92
N PRO A 304 -15.43 0.74 -0.58
CA PRO A 304 -15.45 1.27 0.79
C PRO A 304 -16.77 1.94 1.14
N THR A 305 -17.53 2.35 0.12
CA THR A 305 -18.82 2.99 0.37
C THR A 305 -19.82 1.99 1.01
N ILE A 306 -19.59 0.72 0.78
CA ILE A 306 -20.43 -0.34 1.41
C ILE A 306 -20.43 -0.23 2.94
N LEU A 307 -19.35 0.32 3.51
CA LEU A 307 -19.23 0.42 4.96
C LEU A 307 -20.14 1.46 5.55
N PHE A 308 -20.87 2.19 4.70
CA PHE A 308 -21.95 3.06 5.19
C PHE A 308 -23.29 2.39 5.33
N ALA A 309 -23.41 1.20 4.74
CA ALA A 309 -24.68 0.48 4.74
C ALA A 309 -24.88 -0.26 6.08
N PRO A 310 -26.07 -0.83 6.31
CA PRO A 310 -26.27 -1.53 7.57
C PRO A 310 -25.39 -2.78 7.72
N PRO A 311 -25.18 -3.23 8.96
CA PRO A 311 -24.30 -4.39 9.16
C PRO A 311 -24.66 -5.63 8.32
N GLU A 312 -25.94 -5.98 8.24
CA GLU A 312 -26.36 -7.11 7.42
C GLU A 312 -25.95 -6.97 5.95
N ALA A 313 -26.04 -5.76 5.42
CA ALA A 313 -25.61 -5.47 4.04
C ALA A 313 -24.10 -5.59 3.92
N ILE A 314 -23.39 -5.01 4.89
CA ILE A 314 -21.91 -5.12 4.87
C ILE A 314 -21.47 -6.58 4.84
N ARG A 315 -22.05 -7.37 5.74
CA ARG A 315 -21.64 -8.77 5.84
C ARG A 315 -22.01 -9.55 4.58
N ALA A 316 -23.19 -9.27 4.00
CA ALA A 316 -23.60 -9.95 2.76
C ALA A 316 -22.65 -9.63 1.60
N GLU A 317 -22.20 -8.38 1.51
CA GLU A 317 -21.28 -7.98 0.46
C GLU A 317 -19.91 -8.59 0.66
N ALA A 318 -19.47 -8.69 1.91
CA ALA A 318 -18.21 -9.37 2.21
C ALA A 318 -18.29 -10.86 1.79
N ARG A 319 -19.42 -11.51 2.08
CA ARG A 319 -19.63 -12.90 1.65
C ARG A 319 -19.57 -13.01 0.13
N ALA A 320 -20.16 -12.04 -0.58
CA ALA A 320 -20.17 -12.05 -2.04
C ALA A 320 -18.79 -11.93 -2.65
N VAL A 321 -17.95 -11.08 -2.08
CA VAL A 321 -16.55 -10.99 -2.53
C VAL A 321 -15.86 -12.34 -2.37
N LEU A 322 -15.99 -12.94 -1.17
CA LEU A 322 -15.31 -14.20 -0.88
C LEU A 322 -15.83 -15.31 -1.78
N ASP A 323 -17.15 -15.35 -1.95
CA ASP A 323 -17.76 -16.40 -2.80
C ASP A 323 -17.32 -16.27 -4.24
N SER A 324 -17.13 -15.05 -4.71
CA SER A 324 -16.64 -14.78 -6.07
C SER A 324 -15.26 -15.39 -6.26
N TYR A 325 -14.34 -15.15 -5.31
CA TYR A 325 -13.03 -15.79 -5.38
C TYR A 325 -13.09 -17.32 -5.30
N GLY A 326 -13.91 -17.84 -4.38
CA GLY A 326 -14.14 -19.28 -4.24
C GLY A 326 -13.13 -19.96 -3.35
N ASN A 327 -13.19 -21.29 -3.29
CA ASN A 327 -12.32 -22.01 -2.39
C ASN A 327 -10.97 -22.31 -3.06
N HIS A 328 -10.09 -21.31 -3.04
CA HIS A 328 -8.77 -21.40 -3.67
C HIS A 328 -7.84 -20.57 -2.82
N PRO A 329 -6.55 -20.94 -2.77
CA PRO A 329 -5.58 -20.08 -2.09
C PRO A 329 -5.34 -18.77 -2.85
N GLY A 330 -4.68 -17.84 -2.19
CA GLY A 330 -4.17 -16.65 -2.86
C GLY A 330 -5.01 -15.38 -2.85
N HIS A 331 -5.95 -15.27 -1.93
CA HIS A 331 -6.74 -14.02 -1.78
C HIS A 331 -6.42 -13.34 -0.46
N VAL A 332 -6.09 -12.02 -0.50
CA VAL A 332 -6.09 -11.17 0.72
C VAL A 332 -7.28 -10.22 0.58
N PHE A 333 -8.19 -10.24 1.56
CA PHE A 333 -9.33 -9.35 1.51
C PHE A 333 -8.86 -7.93 1.82
N ASN A 334 -9.38 -6.96 1.07
CA ASN A 334 -9.12 -5.54 1.36
C ASN A 334 -10.22 -4.75 0.64
N LEU A 335 -10.24 -3.45 0.86
CA LEU A 335 -11.11 -2.55 0.07
C LEU A 335 -10.42 -2.24 -1.25
N GLY A 336 -11.18 -1.62 -2.15
CA GLY A 336 -10.62 -1.13 -3.41
C GLY A 336 -10.07 0.27 -3.31
N HIS A 337 -10.26 0.92 -2.14
CA HIS A 337 -9.69 2.22 -1.85
C HIS A 337 -9.67 2.38 -0.35
N GLY A 338 -9.29 3.54 0.16
CA GLY A 338 -9.17 3.68 1.63
C GLY A 338 -10.49 3.82 2.38
N ILE A 339 -10.49 3.45 3.67
CA ILE A 339 -11.63 3.69 4.54
C ILE A 339 -11.96 5.19 4.59
N SER A 340 -13.21 5.53 4.30
CA SER A 340 -13.68 6.89 4.44
C SER A 340 -13.54 7.38 5.88
N GLN A 341 -13.14 8.66 6.03
CA GLN A 341 -13.09 9.32 7.34
C GLN A 341 -14.44 9.35 8.07
N PHE A 342 -15.53 9.10 7.36
CA PHE A 342 -16.85 9.15 7.98
C PHE A 342 -17.40 7.78 8.40
N THR A 343 -16.57 6.75 8.23
CA THR A 343 -16.99 5.36 8.44
C THR A 343 -17.14 5.08 9.94
N PRO A 344 -18.27 4.48 10.35
CA PRO A 344 -18.40 4.09 11.77
C PRO A 344 -17.38 2.98 12.06
N PRO A 345 -16.57 3.10 13.15
CA PRO A 345 -15.58 2.02 13.38
C PRO A 345 -16.21 0.65 13.58
N GLU A 346 -17.43 0.60 14.12
CA GLU A 346 -18.06 -0.69 14.34
CA GLU A 346 -18.15 -0.64 14.33
C GLU A 346 -18.40 -1.39 13.01
N HIS A 347 -18.55 -0.62 11.93
CA HIS A 347 -18.76 -1.26 10.61
C HIS A 347 -17.49 -1.94 10.13
N VAL A 348 -16.36 -1.35 10.45
CA VAL A 348 -15.09 -2.05 10.18
C VAL A 348 -14.98 -3.35 11.01
N ALA A 349 -15.37 -3.29 12.29
CA ALA A 349 -15.36 -4.49 13.13
C ALA A 349 -16.21 -5.60 12.53
N GLU A 350 -17.40 -5.24 12.02
CA GLU A 350 -18.34 -6.20 11.45
C GLU A 350 -17.78 -6.82 10.17
N LEU A 351 -17.11 -6.00 9.34
CA LEU A 351 -16.47 -6.49 8.11
C LEU A 351 -15.39 -7.53 8.43
N VAL A 352 -14.51 -7.18 9.37
CA VAL A 352 -13.39 -8.08 9.72
C VAL A 352 -13.93 -9.40 10.26
N ASP A 353 -14.91 -9.31 11.14
CA ASP A 353 -15.54 -10.48 11.71
C ASP A 353 -16.14 -11.41 10.62
N GLU A 354 -16.87 -10.83 9.65
CA GLU A 354 -17.55 -11.66 8.64
C GLU A 354 -16.55 -12.29 7.68
N VAL A 355 -15.52 -11.52 7.31
CA VAL A 355 -14.51 -12.06 6.40
C VAL A 355 -13.85 -13.29 7.03
N HIS A 356 -13.54 -13.17 8.33
CA HIS A 356 -12.91 -14.27 9.05
C HIS A 356 -13.84 -15.46 9.14
N ARG A 357 -15.08 -15.24 9.60
CA ARG A 357 -16.00 -16.36 9.84
C ARG A 357 -16.44 -17.04 8.55
N HIS A 358 -16.78 -16.25 7.52
CA HIS A 358 -17.29 -16.84 6.29
C HIS A 358 -16.18 -17.55 5.56
N SER A 359 -14.97 -16.96 5.54
CA SER A 359 -13.86 -17.60 4.80
C SER A 359 -13.41 -18.90 5.48
N ARG A 360 -13.54 -18.96 6.81
CA ARG A 360 -13.22 -20.18 7.53
C ARG A 360 -14.24 -21.27 7.10
N ALA A 361 -15.50 -20.86 6.97
CA ALA A 361 -16.57 -21.80 6.52
C ALA A 361 -16.31 -22.32 5.10
N ILE A 362 -15.87 -21.45 4.21
CA ILE A 362 -15.43 -21.85 2.87
C ILE A 362 -14.21 -22.78 2.90
N ARG A 363 -13.18 -22.41 3.67
CA ARG A 363 -11.81 -22.97 3.57
C ARG A 363 -11.48 -24.13 4.48
#